data_4YE2
#
_entry.id   4YE2
#
_cell.length_a   97.137
_cell.length_b   97.137
_cell.length_c   110.729
_cell.angle_alpha   90.00
_cell.angle_beta   90.00
_cell.angle_gamma   90.00
#
_symmetry.space_group_name_H-M   'P 43 21 2'
#
loop_
_entity.id
_entity.type
_entity.pdbx_description
1 polymer 'Capping enzyme protein'
2 non-polymer "ADENOSINE-2'-5'-DIPHOSPHATE"
3 non-polymer 'SULFATE ION'
4 water water
#
_entity_poly.entity_id   1
_entity_poly.type   'polypeptide(L)'
_entity_poly.pdbx_seq_one_letter_code
;SGADDPNYFIGIKFRHIPYEYDVKIPHLTFGVLFISDNMIPDVVEIMKIMKKELFEMDITTSYTYMLSDGIYVANVSGVL
ATYFKMYNLFYKSQITFGQSRMFIPHITLSFSNNKTVRIESTRLKISSIYLRKIKGDTVFDMSE
;
_entity_poly.pdbx_strand_id   A,B
#
loop_
_chem_comp.id
_chem_comp.type
_chem_comp.name
_chem_comp.formula
A2P non-polymer ADENOSINE-2'-5'-DIPHOSPHATE 'C10 H15 N5 O10 P2'
SO4 non-polymer 'SULFATE ION' 'O4 S -2'
#
# COMPACT_ATOMS: atom_id res chain seq x y z
N ALA A 3 8.97 -5.52 -20.12
CA ALA A 3 10.40 -5.80 -20.21
C ALA A 3 11.14 -5.25 -19.00
N ASP A 4 12.37 -5.71 -18.82
CA ASP A 4 13.23 -5.17 -17.77
C ASP A 4 14.36 -4.37 -18.40
N ASP A 5 14.12 -3.91 -19.62
CA ASP A 5 14.95 -2.90 -20.26
C ASP A 5 14.06 -1.75 -20.72
N PRO A 6 13.52 -0.96 -19.76
CA PRO A 6 12.58 0.11 -20.09
C PRO A 6 13.24 1.19 -20.94
N ASN A 7 12.47 1.93 -21.74
CA ASN A 7 13.04 2.99 -22.54
C ASN A 7 12.46 4.34 -22.13
N TYR A 8 11.29 4.27 -21.51
CA TYR A 8 10.63 5.47 -20.98
C TYR A 8 10.34 5.28 -19.50
N PHE A 9 10.22 6.40 -18.80
CA PHE A 9 9.76 6.38 -17.42
C PHE A 9 8.92 7.63 -17.13
N ILE A 10 8.02 7.49 -16.17
CA ILE A 10 7.28 8.62 -15.63
C ILE A 10 7.99 9.06 -14.37
N GLY A 11 8.05 10.36 -14.15
CA GLY A 11 8.83 10.90 -13.05
C GLY A 11 8.12 12.09 -12.45
N ILE A 12 8.44 12.39 -11.20
CA ILE A 12 7.81 13.49 -10.50
C ILE A 12 8.87 14.36 -9.86
N LYS A 13 8.67 15.66 -9.93
CA LYS A 13 9.62 16.63 -9.44
C LYS A 13 8.94 17.53 -8.44
N PHE A 14 9.66 17.81 -7.36
CA PHE A 14 9.11 18.56 -6.24
C PHE A 14 9.81 19.89 -6.12
N ARG A 15 9.09 20.88 -5.60
CA ARG A 15 9.61 22.23 -5.49
C ARG A 15 10.87 22.27 -4.62
N HIS A 16 10.79 21.66 -3.44
CA HIS A 16 11.94 21.57 -2.56
C HIS A 16 12.10 20.19 -1.95
N ILE A 17 13.34 19.86 -1.59
CA ILE A 17 13.66 18.62 -0.91
C ILE A 17 14.18 18.97 0.49
N PRO A 18 13.65 18.31 1.52
CA PRO A 18 14.05 18.64 2.90
C PRO A 18 15.32 17.90 3.32
N TYR A 19 16.29 17.87 2.41
CA TYR A 19 17.52 17.07 2.57
C TYR A 19 18.60 17.69 1.69
N GLU A 20 19.76 17.04 1.65
CA GLU A 20 20.84 17.52 0.80
C GLU A 20 21.25 16.45 -0.19
N TYR A 21 21.43 16.86 -1.44
CA TYR A 21 21.66 15.91 -2.52
C TYR A 21 22.77 16.31 -3.48
N ASP A 22 23.61 15.32 -3.80
CA ASP A 22 24.61 15.42 -4.86
C ASP A 22 23.99 15.47 -6.26
N VAL A 23 22.92 14.70 -6.46
CA VAL A 23 22.39 14.42 -7.78
C VAL A 23 21.96 15.70 -8.50
N LYS A 24 22.21 15.74 -9.81
CA LYS A 24 21.89 16.89 -10.62
C LYS A 24 20.38 17.11 -10.77
N ILE A 25 19.64 16.00 -10.83
CA ILE A 25 18.18 16.09 -10.89
C ILE A 25 17.51 15.28 -9.78
N PRO A 26 16.76 15.97 -8.91
CA PRO A 26 16.11 15.19 -7.85
C PRO A 26 14.67 14.89 -8.25
N HIS A 27 14.30 13.61 -8.31
CA HIS A 27 12.96 13.25 -8.75
C HIS A 27 12.43 12.01 -8.05
N LEU A 28 11.13 11.78 -8.22
CA LEU A 28 10.51 10.52 -7.84
C LEU A 28 10.10 9.75 -9.09
N THR A 29 10.76 8.62 -9.32
CA THR A 29 10.36 7.75 -10.42
C THR A 29 9.02 7.13 -10.05
N PHE A 30 8.10 7.09 -11.01
CA PHE A 30 6.76 6.60 -10.72
C PHE A 30 6.30 5.57 -11.75
N GLY A 31 7.21 4.72 -12.19
CA GLY A 31 6.87 3.70 -13.14
C GLY A 31 7.78 3.74 -14.35
N VAL A 32 8.14 2.57 -14.86
CA VAL A 32 8.94 2.49 -16.07
C VAL A 32 8.17 1.72 -17.13
N LEU A 33 8.42 2.06 -18.38
CA LEU A 33 7.62 1.54 -19.48
C LEU A 33 8.50 0.97 -20.58
N PHE A 34 7.96 -0.01 -21.30
CA PHE A 34 8.58 -0.43 -22.54
C PHE A 34 7.58 -0.21 -23.66
N ILE A 35 7.66 0.97 -24.27
CA ILE A 35 6.66 1.39 -25.25
C ILE A 35 7.25 1.91 -26.56
N SER A 36 6.43 1.85 -27.60
CA SER A 36 6.81 2.24 -28.94
C SER A 36 6.18 3.62 -29.14
N ASP A 37 6.76 4.45 -30.00
CA ASP A 37 6.33 5.84 -30.08
C ASP A 37 4.87 5.98 -30.52
N ASN A 38 4.37 4.96 -31.21
CA ASN A 38 2.98 4.97 -31.64
C ASN A 38 2.05 4.71 -30.45
N MET A 39 2.65 4.35 -29.32
CA MET A 39 1.92 4.20 -28.08
C MET A 39 2.11 5.40 -27.15
N ILE A 40 2.79 6.44 -27.63
CA ILE A 40 2.98 7.64 -26.80
C ILE A 40 1.64 8.34 -26.47
N PRO A 41 0.69 8.41 -27.42
CA PRO A 41 -0.54 9.12 -27.06
C PRO A 41 -1.33 8.47 -25.92
N ASP A 42 -1.48 7.15 -25.98
CA ASP A 42 -2.29 6.41 -25.01
C ASP A 42 -1.73 6.59 -23.61
N VAL A 43 -0.41 6.47 -23.50
CA VAL A 43 0.29 6.63 -22.22
C VAL A 43 0.07 8.05 -21.72
N VAL A 44 0.05 9.02 -22.63
CA VAL A 44 -0.21 10.40 -22.22
C VAL A 44 -1.63 10.54 -21.66
N GLU A 45 -2.60 9.86 -22.27
CA GLU A 45 -3.99 10.02 -21.82
C GLU A 45 -4.16 9.56 -20.38
N ILE A 46 -3.62 8.40 -20.07
CA ILE A 46 -3.69 7.88 -18.72
C ILE A 46 -2.99 8.85 -17.79
N MET A 47 -1.89 9.43 -18.26
CA MET A 47 -1.16 10.41 -17.48
C MET A 47 -2.05 11.61 -17.22
N LYS A 48 -2.79 12.01 -18.25
CA LYS A 48 -3.76 13.08 -18.10
C LYS A 48 -4.89 12.66 -17.16
N ILE A 49 -5.31 11.41 -17.27
CA ILE A 49 -6.42 10.89 -16.46
C ILE A 49 -6.12 10.85 -14.97
N MET A 50 -4.88 10.49 -14.63
CA MET A 50 -4.50 10.30 -13.24
C MET A 50 -4.19 11.61 -12.51
N LYS A 51 -4.21 12.72 -13.24
CA LYS A 51 -3.58 13.97 -12.80
C LYS A 51 -4.11 14.48 -11.46
N LYS A 52 -5.43 14.42 -11.32
CA LYS A 52 -6.10 14.96 -10.15
C LYS A 52 -5.64 14.22 -8.90
N GLU A 53 -5.68 12.89 -8.95
CA GLU A 53 -5.22 12.08 -7.83
C GLU A 53 -3.72 12.25 -7.60
N LEU A 54 -2.99 12.43 -8.69
CA LEU A 54 -1.54 12.58 -8.61
C LEU A 54 -1.19 13.86 -7.86
N PHE A 55 -2.06 14.86 -7.95
CA PHE A 55 -1.77 16.13 -7.28
C PHE A 55 -2.52 16.23 -5.95
N GLU A 56 -3.46 15.31 -5.72
CA GLU A 56 -4.15 15.22 -4.44
C GLU A 56 -3.42 14.25 -3.53
N MET A 57 -2.36 13.65 -4.06
CA MET A 57 -1.59 12.68 -3.32
C MET A 57 -0.88 13.39 -2.18
N ASP A 58 -0.85 12.75 -1.01
CA ASP A 58 -0.13 13.32 0.12
C ASP A 58 1.20 12.59 0.27
N ILE A 59 2.27 13.28 -0.10
CA ILE A 59 3.57 12.64 -0.16
C ILE A 59 4.34 13.14 1.04
N THR A 60 5.14 12.25 1.65
CA THR A 60 5.90 12.63 2.83
C THR A 60 7.24 11.92 2.91
N THR A 61 8.17 12.56 3.63
CA THR A 61 9.41 11.90 3.98
C THR A 61 9.63 12.00 5.49
N SER A 62 10.21 10.93 6.04
CA SER A 62 10.53 10.82 7.45
C SER A 62 12.02 10.51 7.67
N TYR A 63 12.69 9.94 6.67
CA TYR A 63 14.07 9.49 6.84
C TYR A 63 14.75 9.18 5.52
N THR A 64 16.05 8.90 5.59
CA THR A 64 16.88 8.61 4.43
C THR A 64 17.56 7.27 4.69
N TYR A 65 17.88 6.53 3.63
CA TYR A 65 18.47 5.21 3.82
C TYR A 65 19.21 4.78 2.58
N MET A 66 19.97 3.70 2.69
CA MET A 66 20.70 3.17 1.56
C MET A 66 19.87 2.07 0.94
N LEU A 67 19.37 2.37 -0.26
CA LEU A 67 18.49 1.46 -0.98
C LEU A 67 19.26 0.21 -1.37
N SER A 68 20.48 0.44 -1.87
CA SER A 68 21.38 -0.63 -2.28
C SER A 68 22.78 -0.05 -2.22
N ASP A 69 23.80 -0.85 -2.54
CA ASP A 69 25.18 -0.40 -2.40
C ASP A 69 25.37 0.83 -3.29
N GLY A 70 25.79 1.93 -2.67
CA GLY A 70 26.10 3.14 -3.39
C GLY A 70 24.85 3.81 -3.94
N ILE A 71 23.71 3.58 -3.27
CA ILE A 71 22.49 4.32 -3.59
C ILE A 71 21.88 4.89 -2.31
N TYR A 72 21.95 6.21 -2.18
CA TYR A 72 21.49 6.90 -0.98
C TYR A 72 20.24 7.69 -1.32
N VAL A 73 19.14 7.36 -0.66
CA VAL A 73 17.83 7.87 -1.07
C VAL A 73 17.00 8.33 0.11
N ALA A 74 15.87 8.97 -0.19
CA ALA A 74 14.92 9.35 0.85
C ALA A 74 13.62 8.64 0.55
N ASN A 75 12.93 8.17 1.58
CA ASN A 75 11.68 7.45 1.35
C ASN A 75 10.58 8.42 0.97
N VAL A 76 9.53 7.92 0.34
CA VAL A 76 8.33 8.71 0.12
C VAL A 76 7.12 7.82 0.41
N SER A 77 6.07 8.40 0.98
CA SER A 77 4.89 7.61 1.32
C SER A 77 3.59 8.35 1.01
N GLY A 78 2.52 7.60 0.79
CA GLY A 78 1.27 8.18 0.33
C GLY A 78 1.07 8.05 -1.16
N VAL A 79 2.01 7.37 -1.82
CA VAL A 79 1.99 7.26 -3.28
C VAL A 79 1.56 5.90 -3.87
N LEU A 80 1.61 4.85 -3.06
CA LEU A 80 1.41 3.48 -3.56
C LEU A 80 0.03 3.14 -4.14
N ALA A 81 -1.02 3.68 -3.54
CA ALA A 81 -2.38 3.40 -4.01
C ALA A 81 -2.63 3.94 -5.42
N THR A 82 -2.15 5.15 -5.67
CA THR A 82 -2.33 5.79 -6.96
C THR A 82 -1.38 5.16 -7.98
N TYR A 83 -0.26 4.63 -7.47
CA TYR A 83 0.66 3.88 -8.30
C TYR A 83 0.00 2.63 -8.85
N PHE A 84 -0.63 1.85 -7.97
CA PHE A 84 -1.29 0.62 -8.43
C PHE A 84 -2.57 0.89 -9.22
N LYS A 85 -3.20 2.03 -8.95
CA LYS A 85 -4.37 2.45 -9.72
C LYS A 85 -3.96 2.68 -11.18
N MET A 86 -2.89 3.44 -11.33
CA MET A 86 -2.35 3.72 -12.66
C MET A 86 -1.78 2.45 -13.28
N TYR A 87 -1.26 1.56 -12.43
CA TYR A 87 -0.73 0.29 -12.89
C TYR A 87 -1.85 -0.48 -13.58
N ASN A 88 -3.02 -0.49 -12.94
CA ASN A 88 -4.16 -1.18 -13.51
C ASN A 88 -4.55 -0.53 -14.83
N LEU A 89 -4.52 0.80 -14.87
CA LEU A 89 -4.94 1.48 -16.10
C LEU A 89 -4.02 1.15 -17.27
N PHE A 90 -2.71 1.17 -17.02
CA PHE A 90 -1.73 0.82 -18.06
C PHE A 90 -1.92 -0.62 -18.50
N TYR A 91 -2.12 -1.51 -17.53
CA TYR A 91 -2.20 -2.93 -17.82
C TYR A 91 -3.40 -3.21 -18.71
N LYS A 92 -4.54 -2.59 -18.39
CA LYS A 92 -5.76 -2.80 -19.16
C LYS A 92 -5.72 -2.23 -20.58
N SER A 93 -4.86 -1.25 -20.81
CA SER A 93 -4.60 -0.77 -22.17
C SER A 93 -3.45 -1.51 -22.85
N GLN A 94 -2.93 -2.54 -22.20
CA GLN A 94 -1.92 -3.44 -22.75
C GLN A 94 -0.60 -2.71 -22.97
N ILE A 95 -0.27 -1.83 -22.02
CA ILE A 95 1.00 -1.11 -22.06
C ILE A 95 1.96 -1.75 -21.07
N THR A 96 3.19 -2.01 -21.52
CA THR A 96 4.14 -2.63 -20.62
C THR A 96 4.60 -1.59 -19.62
N PHE A 97 4.16 -1.80 -18.39
CA PHE A 97 4.49 -0.93 -17.27
C PHE A 97 4.81 -1.84 -16.09
N GLY A 98 5.79 -1.47 -15.27
CA GLY A 98 6.23 -2.40 -14.25
C GLY A 98 7.51 -3.14 -14.57
N GLN A 99 8.09 -3.74 -13.53
CA GLN A 99 9.28 -4.56 -13.65
C GLN A 99 9.05 -5.85 -12.88
N SER A 100 9.98 -6.79 -12.99
CA SER A 100 9.84 -8.07 -12.32
C SER A 100 9.97 -7.76 -10.84
N ARG A 101 10.96 -6.91 -10.54
CA ARG A 101 11.30 -6.51 -9.19
C ARG A 101 10.23 -5.59 -8.62
N MET A 102 10.01 -5.67 -7.30
CA MET A 102 8.97 -4.88 -6.66
C MET A 102 9.29 -3.39 -6.77
N PHE A 103 8.25 -2.57 -6.72
CA PHE A 103 8.41 -1.14 -6.79
C PHE A 103 8.65 -0.58 -5.39
N ILE A 104 9.73 0.18 -5.23
CA ILE A 104 9.93 0.97 -4.02
C ILE A 104 10.03 2.44 -4.39
N PRO A 105 9.17 3.26 -3.79
CA PRO A 105 9.17 4.68 -4.10
C PRO A 105 10.30 5.36 -3.34
N HIS A 106 11.15 6.11 -4.04
CA HIS A 106 12.24 6.80 -3.38
C HIS A 106 12.66 8.05 -4.13
N ILE A 107 13.37 8.92 -3.43
CA ILE A 107 14.06 10.04 -4.07
C ILE A 107 15.55 9.84 -3.94
N THR A 108 16.26 9.71 -5.05
CA THR A 108 17.69 9.48 -4.98
C THR A 108 18.34 10.77 -4.51
N LEU A 109 19.12 10.68 -3.43
CA LEU A 109 19.78 11.85 -2.86
C LEU A 109 21.24 11.89 -3.30
N SER A 110 21.89 10.74 -3.29
CA SER A 110 23.27 10.65 -3.71
C SER A 110 23.61 9.26 -4.22
N PHE A 111 24.68 9.17 -5.00
CA PHE A 111 25.09 7.89 -5.57
C PHE A 111 26.31 7.37 -4.82
N SER A 112 26.38 7.71 -3.54
CA SER A 112 27.51 7.36 -2.68
C SER A 112 27.01 6.75 -1.37
N ASN A 113 27.91 6.12 -0.64
CA ASN A 113 27.55 5.55 0.66
C ASN A 113 27.57 6.59 1.77
N ASN A 114 26.41 6.82 2.35
CA ASN A 114 26.22 7.75 3.46
C ASN A 114 25.17 7.09 4.35
N LYS A 115 25.04 7.53 5.60
CA LYS A 115 24.10 6.83 6.47
C LYS A 115 23.00 7.75 6.98
N THR A 116 21.99 7.14 7.58
CA THR A 116 20.64 7.67 7.73
C THR A 116 20.58 9.03 8.43
N VAL A 117 19.61 9.84 8.02
CA VAL A 117 19.33 11.11 8.66
C VAL A 117 17.83 11.01 8.92
N ARG A 118 17.31 11.82 9.84
CA ARG A 118 15.89 11.78 10.13
C ARG A 118 15.35 13.19 10.25
N ILE A 119 14.05 13.34 10.03
CA ILE A 119 13.34 14.61 10.22
C ILE A 119 11.91 14.30 10.62
N GLU A 120 11.17 15.33 11.04
CA GLU A 120 9.77 15.17 11.36
C GLU A 120 9.07 14.91 10.04
N SER A 121 7.88 14.32 10.07
CA SER A 121 7.22 13.96 8.82
C SER A 121 7.06 15.26 8.07
N THR A 122 7.43 15.27 6.78
CA THR A 122 7.34 16.51 6.03
C THR A 122 6.75 16.21 4.68
N ARG A 123 6.00 17.17 4.14
CA ARG A 123 5.18 16.88 2.98
C ARG A 123 5.79 17.47 1.74
N LEU A 124 5.85 16.67 0.68
CA LEU A 124 6.52 17.12 -0.53
C LEU A 124 5.48 17.70 -1.46
N LYS A 125 5.83 18.84 -2.04
CA LYS A 125 4.94 19.53 -2.94
C LYS A 125 5.42 19.34 -4.36
N ILE A 126 4.56 18.73 -5.18
CA ILE A 126 4.90 18.45 -6.56
C ILE A 126 5.02 19.74 -7.36
N SER A 127 6.04 19.82 -8.18
CA SER A 127 6.19 20.94 -9.10
C SER A 127 5.83 20.46 -10.50
N SER A 128 6.25 19.25 -10.84
CA SER A 128 6.01 18.74 -12.19
C SER A 128 5.84 17.24 -12.24
N ILE A 129 5.04 16.75 -13.20
CA ILE A 129 4.99 15.32 -13.49
C ILE A 129 5.25 15.12 -14.96
N TYR A 130 6.22 14.29 -15.32
CA TYR A 130 6.63 14.19 -16.71
C TYR A 130 6.79 12.76 -17.19
N LEU A 131 6.77 12.61 -18.52
CA LEU A 131 7.15 11.38 -19.18
C LEU A 131 8.35 11.63 -20.07
N ARG A 132 9.37 10.82 -19.84
CA ARG A 132 10.71 11.04 -20.36
C ARG A 132 11.29 9.73 -20.91
N LYS A 133 12.14 9.81 -21.92
CA LYS A 133 12.82 8.62 -22.41
C LYS A 133 14.08 8.36 -21.58
N ILE A 134 14.48 7.09 -21.45
CA ILE A 134 15.61 6.73 -20.61
C ILE A 134 16.90 7.08 -21.35
N LYS A 135 17.77 7.81 -20.67
CA LYS A 135 18.98 8.39 -21.27
C LYS A 135 18.58 9.22 -22.47
N GLY A 136 17.47 9.95 -22.31
CA GLY A 136 16.82 10.60 -23.43
C GLY A 136 16.05 11.83 -23.03
N ASP A 137 15.38 12.43 -24.01
CA ASP A 137 14.64 13.66 -23.83
C ASP A 137 13.30 13.46 -23.13
N THR A 138 12.76 14.54 -22.56
CA THR A 138 11.41 14.54 -22.03
C THR A 138 10.43 14.86 -23.15
N VAL A 139 9.52 13.93 -23.43
CA VAL A 139 8.44 14.20 -24.37
C VAL A 139 7.24 14.93 -23.77
N PHE A 140 6.84 14.62 -22.53
CA PHE A 140 5.63 15.26 -22.04
C PHE A 140 5.72 15.78 -20.61
N ASP A 141 5.08 16.92 -20.36
CA ASP A 141 5.12 17.55 -19.04
C ASP A 141 3.74 18.02 -18.59
N MET A 142 3.50 17.92 -17.30
CA MET A 142 2.28 18.45 -16.68
C MET A 142 2.61 19.20 -15.40
N SER A 143 2.10 20.43 -15.30
CA SER A 143 2.19 21.20 -14.07
C SER A 143 0.77 21.41 -13.57
N GLU A 144 0.62 21.74 -12.30
CA GLU A 144 -0.69 21.70 -11.65
C GLU A 144 -1.66 22.69 -12.29
N ASP B 4 9.17 -15.51 -1.33
CA ASP B 4 9.57 -14.49 -0.36
C ASP B 4 8.64 -14.49 0.86
N ASP B 5 8.90 -13.57 1.79
CA ASP B 5 8.11 -13.47 3.01
C ASP B 5 7.10 -12.33 2.90
N PRO B 6 6.01 -12.39 3.69
CA PRO B 6 4.86 -11.52 3.44
C PRO B 6 5.15 -10.03 3.60
N ASN B 7 4.52 -9.23 2.73
CA ASN B 7 4.65 -7.78 2.73
C ASN B 7 3.34 -7.02 2.84
N TYR B 8 2.20 -7.71 2.73
CA TYR B 8 0.91 -7.06 2.81
C TYR B 8 0.00 -7.56 3.94
N PHE B 9 -0.97 -6.72 4.31
CA PHE B 9 -1.98 -7.06 5.30
C PHE B 9 -3.38 -6.72 4.76
N ILE B 10 -4.31 -7.67 4.86
CA ILE B 10 -5.72 -7.33 4.67
C ILE B 10 -6.29 -7.07 6.06
N GLY B 11 -7.16 -6.07 6.17
CA GLY B 11 -7.63 -5.67 7.47
C GLY B 11 -9.00 -5.03 7.45
N ILE B 12 -9.61 -4.97 8.62
CA ILE B 12 -10.94 -4.42 8.79
C ILE B 12 -10.94 -3.43 9.96
N LYS B 13 -11.65 -2.32 9.77
CA LYS B 13 -11.76 -1.28 10.77
C LYS B 13 -13.22 -1.04 11.09
N PHE B 14 -13.46 -0.83 12.39
CA PHE B 14 -14.81 -0.74 12.93
C PHE B 14 -15.11 0.64 13.52
N ARG B 15 -16.38 1.01 13.49
CA ARG B 15 -16.84 2.33 13.95
C ARG B 15 -16.54 2.57 15.43
N HIS B 16 -16.88 1.62 16.27
CA HIS B 16 -16.57 1.72 17.70
C HIS B 16 -16.08 0.43 18.33
N ILE B 17 -15.31 0.58 19.40
CA ILE B 17 -14.85 -0.54 20.21
C ILE B 17 -15.53 -0.48 21.57
N PRO B 18 -16.13 -1.60 22.00
CA PRO B 18 -16.87 -1.66 23.27
C PRO B 18 -15.94 -1.93 24.44
N TYR B 19 -14.75 -1.37 24.38
CA TYR B 19 -13.67 -1.71 25.31
C TYR B 19 -12.75 -0.50 25.43
N GLU B 20 -11.64 -0.66 26.13
CA GLU B 20 -10.71 0.44 26.31
C GLU B 20 -9.40 0.09 25.63
N TYR B 21 -8.84 1.02 24.88
CA TYR B 21 -7.62 0.72 24.12
C TYR B 21 -6.62 1.87 24.15
N ASP B 22 -5.36 1.51 24.38
CA ASP B 22 -4.22 2.40 24.19
C ASP B 22 -3.91 2.61 22.71
N VAL B 23 -4.08 1.55 21.91
CA VAL B 23 -3.56 1.51 20.55
C VAL B 23 -4.17 2.61 19.69
N LYS B 24 -3.34 3.21 18.84
CA LYS B 24 -3.78 4.32 17.99
C LYS B 24 -4.75 3.86 16.92
N ILE B 25 -4.52 2.69 16.34
CA ILE B 25 -5.45 2.13 15.37
C ILE B 25 -5.90 0.74 15.76
N PRO B 26 -7.19 0.59 16.07
CA PRO B 26 -7.77 -0.70 16.45
C PRO B 26 -8.28 -1.41 15.21
N HIS B 27 -7.75 -2.59 14.90
CA HIS B 27 -8.17 -3.28 13.69
C HIS B 27 -8.37 -4.77 13.90
N LEU B 28 -8.99 -5.39 12.92
CA LEU B 28 -9.02 -6.85 12.79
C LEU B 28 -8.24 -7.23 11.55
N THR B 29 -7.13 -7.95 11.72
CA THR B 29 -6.40 -8.42 10.55
C THR B 29 -7.19 -9.57 9.93
N PHE B 30 -7.04 -9.74 8.62
CA PHE B 30 -7.82 -10.70 7.84
C PHE B 30 -6.96 -11.32 6.76
N GLY B 31 -5.69 -11.59 7.08
CA GLY B 31 -4.79 -12.15 6.10
C GLY B 31 -3.37 -11.63 6.19
N VAL B 32 -2.40 -12.53 6.03
CA VAL B 32 -1.02 -12.12 5.91
C VAL B 32 -0.54 -12.67 4.58
N LEU B 33 -0.06 -11.78 3.71
CA LEU B 33 0.19 -12.15 2.32
C LEU B 33 1.51 -11.67 1.74
N PHE B 34 1.96 -12.39 0.72
CA PHE B 34 3.03 -11.91 -0.14
C PHE B 34 2.51 -11.76 -1.56
N ILE B 35 2.34 -10.51 -1.99
CA ILE B 35 1.82 -10.27 -3.32
C ILE B 35 2.81 -9.46 -4.14
N SER B 36 3.02 -9.93 -5.37
CA SER B 36 3.82 -9.24 -6.37
C SER B 36 2.98 -8.12 -6.96
N ASP B 37 3.62 -7.08 -7.50
CA ASP B 37 2.90 -5.88 -7.92
C ASP B 37 1.91 -6.21 -9.02
N ASN B 38 2.25 -7.22 -9.83
CA ASN B 38 1.36 -7.65 -10.90
C ASN B 38 0.11 -8.40 -10.40
N MET B 39 0.17 -8.91 -9.18
CA MET B 39 -1.01 -9.58 -8.62
C MET B 39 -1.84 -8.71 -7.66
N ILE B 40 -1.43 -7.47 -7.45
CA ILE B 40 -2.20 -6.56 -6.59
C ILE B 40 -3.59 -6.26 -7.18
N PRO B 41 -3.68 -6.11 -8.52
CA PRO B 41 -5.01 -5.88 -9.10
C PRO B 41 -5.92 -7.07 -8.84
N ASP B 42 -5.39 -8.27 -9.00
CA ASP B 42 -6.17 -9.49 -8.84
C ASP B 42 -6.73 -9.57 -7.41
N VAL B 43 -5.87 -9.27 -6.44
CA VAL B 43 -6.28 -9.27 -5.04
C VAL B 43 -7.38 -8.24 -4.79
N VAL B 44 -7.24 -7.06 -5.39
CA VAL B 44 -8.23 -6.00 -5.23
C VAL B 44 -9.56 -6.49 -5.81
N GLU B 45 -9.44 -7.24 -6.90
CA GLU B 45 -10.58 -7.77 -7.64
C GLU B 45 -11.37 -8.68 -6.72
N ILE B 46 -10.63 -9.59 -6.07
CA ILE B 46 -11.22 -10.55 -5.15
C ILE B 46 -11.86 -9.84 -3.96
N MET B 47 -11.21 -8.79 -3.48
CA MET B 47 -11.71 -8.03 -2.34
C MET B 47 -13.05 -7.39 -2.67
N LYS B 48 -13.14 -6.86 -3.89
CA LYS B 48 -14.39 -6.28 -4.39
C LYS B 48 -15.45 -7.35 -4.51
N ILE B 49 -15.05 -8.55 -4.93
CA ILE B 49 -16.02 -9.63 -5.06
C ILE B 49 -16.58 -9.99 -3.68
N MET B 50 -15.70 -10.04 -2.68
CA MET B 50 -16.10 -10.44 -1.33
C MET B 50 -16.77 -9.35 -0.52
N LYS B 51 -16.81 -8.13 -1.05
CA LYS B 51 -17.14 -6.96 -0.24
C LYS B 51 -18.52 -7.09 0.42
N LYS B 52 -19.47 -7.61 -0.36
CA LYS B 52 -20.85 -7.73 0.10
C LYS B 52 -20.97 -8.66 1.29
N GLU B 53 -20.36 -9.84 1.16
CA GLU B 53 -20.39 -10.84 2.23
C GLU B 53 -19.62 -10.31 3.43
N LEU B 54 -18.57 -9.56 3.14
CA LEU B 54 -17.72 -8.97 4.17
C LEU B 54 -18.54 -7.95 4.97
N PHE B 55 -19.61 -7.44 4.37
CA PHE B 55 -20.43 -6.43 5.04
C PHE B 55 -21.75 -6.99 5.53
N GLU B 56 -22.08 -8.22 5.15
CA GLU B 56 -23.24 -8.91 5.73
C GLU B 56 -22.84 -9.76 6.92
N MET B 57 -21.54 -9.82 7.20
CA MET B 57 -21.08 -10.64 8.30
C MET B 57 -21.64 -10.08 9.58
N ASP B 58 -22.00 -10.96 10.52
CA ASP B 58 -22.42 -10.49 11.81
C ASP B 58 -21.23 -10.69 12.71
N ILE B 59 -20.62 -9.58 13.10
CA ILE B 59 -19.36 -9.63 13.81
C ILE B 59 -19.64 -9.27 15.26
N THR B 60 -19.09 -10.05 16.17
CA THR B 60 -19.45 -9.92 17.56
C THR B 60 -18.26 -10.05 18.49
N THR B 61 -18.36 -9.43 19.64
CA THR B 61 -17.37 -9.61 20.69
C THR B 61 -18.08 -9.74 22.03
N SER B 62 -17.53 -10.58 22.90
CA SER B 62 -18.09 -10.79 24.22
C SER B 62 -17.06 -10.55 25.31
N TYR B 63 -15.79 -10.75 24.97
CA TYR B 63 -14.74 -10.68 26.00
C TYR B 63 -13.37 -10.27 25.49
N THR B 64 -12.46 -10.09 26.44
CA THR B 64 -11.08 -9.72 26.17
C THR B 64 -10.14 -10.67 26.90
N TYR B 65 -8.95 -10.86 26.36
CA TYR B 65 -8.03 -11.82 26.97
C TYR B 65 -6.61 -11.49 26.53
N MET B 66 -5.64 -12.21 27.09
CA MET B 66 -4.27 -11.99 26.71
C MET B 66 -3.88 -13.03 25.67
N LEU B 67 -3.80 -12.56 24.43
CA LEU B 67 -3.51 -13.42 23.29
C LEU B 67 -2.08 -13.96 23.35
N SER B 68 -1.16 -13.08 23.70
CA SER B 68 0.24 -13.42 23.86
C SER B 68 0.86 -12.47 24.88
N ASP B 69 2.13 -12.66 25.22
CA ASP B 69 2.78 -11.84 26.22
C ASP B 69 2.74 -10.38 25.80
N GLY B 70 2.03 -9.57 26.57
CA GLY B 70 2.01 -8.14 26.33
C GLY B 70 1.09 -7.81 25.16
N ILE B 71 0.18 -8.72 24.84
CA ILE B 71 -0.83 -8.41 23.84
C ILE B 71 -2.23 -8.71 24.37
N TYR B 72 -2.98 -7.63 24.55
CA TYR B 72 -4.29 -7.65 25.17
C TYR B 72 -5.31 -7.37 24.08
N VAL B 73 -6.20 -8.33 23.84
CA VAL B 73 -7.06 -8.27 22.68
C VAL B 73 -8.52 -8.55 22.99
N ALA B 74 -9.35 -8.28 21.99
CA ALA B 74 -10.78 -8.57 22.06
C ALA B 74 -11.12 -9.60 21.02
N ASN B 75 -11.95 -10.58 21.38
CA ASN B 75 -12.29 -11.63 20.45
C ASN B 75 -13.24 -11.09 19.40
N VAL B 76 -13.34 -11.79 18.28
CA VAL B 76 -14.37 -11.49 17.29
C VAL B 76 -14.89 -12.83 16.77
N SER B 77 -16.18 -12.87 16.46
CA SER B 77 -16.80 -14.08 15.96
C SER B 77 -17.66 -13.81 14.73
N GLY B 78 -17.80 -14.80 13.85
CA GLY B 78 -18.55 -14.59 12.63
C GLY B 78 -17.74 -14.33 11.37
N VAL B 79 -16.41 -14.35 11.49
CA VAL B 79 -15.57 -14.00 10.35
C VAL B 79 -14.84 -15.16 9.65
N LEU B 80 -14.74 -16.30 10.33
CA LEU B 80 -13.93 -17.41 9.81
C LEU B 80 -14.45 -18.06 8.52
N ALA B 81 -15.77 -18.18 8.39
CA ALA B 81 -16.34 -18.80 7.21
C ALA B 81 -16.04 -17.99 5.95
N THR B 82 -16.22 -16.67 6.06
CA THR B 82 -15.93 -15.76 4.96
C THR B 82 -14.42 -15.61 4.75
N TYR B 83 -13.66 -15.80 5.82
CA TYR B 83 -12.20 -15.78 5.73
C TYR B 83 -11.75 -16.90 4.82
N PHE B 84 -12.27 -18.11 5.06
CA PHE B 84 -11.96 -19.24 4.19
C PHE B 84 -12.62 -19.16 2.82
N LYS B 85 -13.72 -18.43 2.70
CA LYS B 85 -14.31 -18.16 1.39
C LYS B 85 -13.36 -17.35 0.51
N MET B 86 -12.86 -16.27 1.10
CA MET B 86 -11.90 -15.39 0.44
C MET B 86 -10.60 -16.17 0.19
N TYR B 87 -10.26 -17.05 1.12
CA TYR B 87 -9.11 -17.94 0.94
C TYR B 87 -9.32 -18.81 -0.29
N ASN B 88 -10.54 -19.30 -0.44
CA ASN B 88 -10.88 -20.18 -1.55
C ASN B 88 -10.67 -19.41 -2.84
N LEU B 89 -11.11 -18.15 -2.85
CA LEU B 89 -10.97 -17.34 -4.05
C LEU B 89 -9.50 -17.10 -4.38
N PHE B 90 -8.69 -16.83 -3.35
CA PHE B 90 -7.27 -16.60 -3.56
C PHE B 90 -6.60 -17.84 -4.15
N TYR B 91 -6.89 -19.00 -3.57
CA TYR B 91 -6.27 -20.24 -4.02
C TYR B 91 -6.70 -20.62 -5.44
N LYS B 92 -7.99 -20.46 -5.74
CA LYS B 92 -8.48 -20.83 -7.07
C LYS B 92 -7.92 -19.92 -8.17
N SER B 93 -7.75 -18.64 -7.87
CA SER B 93 -6.97 -17.75 -8.71
C SER B 93 -5.47 -18.03 -8.57
N GLN B 94 -5.14 -18.95 -7.68
CA GLN B 94 -3.77 -19.47 -7.50
C GLN B 94 -2.80 -18.36 -7.16
N ILE B 95 -3.22 -17.54 -6.20
CA ILE B 95 -2.33 -16.65 -5.47
C ILE B 95 -2.02 -17.36 -4.15
N THR B 96 -0.76 -17.44 -3.77
CA THR B 96 -0.46 -18.03 -2.48
C THR B 96 -1.01 -17.10 -1.42
N PHE B 97 -1.79 -17.69 -0.52
CA PHE B 97 -2.24 -17.04 0.71
C PHE B 97 -1.57 -17.67 1.92
N GLY B 98 -1.27 -16.87 2.94
CA GLY B 98 -0.44 -17.33 4.04
C GLY B 98 -1.30 -18.41 4.66
N GLN B 99 -0.73 -19.60 4.83
CA GLN B 99 -1.57 -20.79 4.70
C GLN B 99 -2.66 -20.91 5.78
N SER B 100 -3.64 -21.75 5.48
CA SER B 100 -4.88 -21.85 6.23
C SER B 100 -4.77 -22.81 7.40
N ARG B 101 -3.56 -23.01 7.91
CA ARG B 101 -3.38 -23.93 9.03
C ARG B 101 -4.11 -23.43 10.26
N MET B 102 -3.90 -22.16 10.61
CA MET B 102 -4.64 -21.59 11.72
C MET B 102 -4.77 -20.08 11.62
N PHE B 103 -5.91 -19.60 12.09
CA PHE B 103 -6.20 -18.18 12.21
C PHE B 103 -6.93 -17.99 13.53
N ILE B 104 -6.50 -17.03 14.35
CA ILE B 104 -7.35 -16.59 15.43
C ILE B 104 -7.66 -15.11 15.26
N PRO B 105 -8.95 -14.81 15.08
CA PRO B 105 -9.43 -13.45 14.82
C PRO B 105 -9.49 -12.64 16.11
N HIS B 106 -8.86 -11.47 16.14
CA HIS B 106 -8.89 -10.64 17.33
C HIS B 106 -8.69 -9.17 16.99
N ILE B 107 -9.02 -8.30 17.93
CA ILE B 107 -8.69 -6.89 17.83
C ILE B 107 -7.72 -6.57 18.98
N THR B 108 -6.49 -6.17 18.65
CA THR B 108 -5.56 -5.86 19.72
C THR B 108 -6.00 -4.56 20.38
N LEU B 109 -6.13 -4.57 21.70
CA LEU B 109 -6.63 -3.43 22.43
C LEU B 109 -5.50 -2.68 23.10
N SER B 110 -4.52 -3.42 23.60
CA SER B 110 -3.37 -2.77 24.21
C SER B 110 -2.15 -3.67 24.16
N PHE B 111 -0.97 -3.07 24.25
CA PHE B 111 0.26 -3.82 24.14
C PHE B 111 0.82 -3.94 25.56
N SER B 112 -0.10 -4.19 26.48
CA SER B 112 0.17 -4.24 27.90
C SER B 112 -0.41 -5.52 28.46
N ASN B 113 -0.04 -5.84 29.70
CA ASN B 113 -0.61 -7.01 30.35
C ASN B 113 -1.74 -6.57 31.25
N ASN B 114 -2.91 -7.13 30.98
CA ASN B 114 -4.18 -6.66 31.52
C ASN B 114 -5.05 -7.88 31.77
N LYS B 115 -6.14 -7.72 32.51
CA LYS B 115 -6.92 -8.88 32.88
C LYS B 115 -8.29 -8.83 32.23
N THR B 116 -8.92 -9.99 32.17
CA THR B 116 -10.07 -10.22 31.30
C THR B 116 -11.22 -9.29 31.67
N VAL B 117 -11.97 -8.86 30.65
CA VAL B 117 -13.14 -8.03 30.85
C VAL B 117 -14.28 -8.69 30.10
N ARG B 118 -15.48 -8.62 30.67
CA ARG B 118 -16.63 -9.25 30.06
C ARG B 118 -17.67 -8.19 29.79
N ILE B 119 -18.32 -8.29 28.64
CA ILE B 119 -19.42 -7.42 28.30
C ILE B 119 -20.51 -8.27 27.69
N GLU B 120 -21.70 -7.71 27.54
CA GLU B 120 -22.79 -8.42 26.88
C GLU B 120 -22.36 -8.53 25.43
N SER B 121 -22.89 -9.51 24.69
CA SER B 121 -22.46 -9.69 23.32
C SER B 121 -22.72 -8.39 22.57
N THR B 122 -21.78 -7.98 21.71
CA THR B 122 -21.92 -6.71 21.02
C THR B 122 -21.52 -6.87 19.57
N ARG B 123 -22.16 -6.10 18.70
CA ARG B 123 -22.02 -6.28 17.27
C ARG B 123 -21.20 -5.12 16.73
N LEU B 124 -20.18 -5.45 15.94
CA LEU B 124 -19.24 -4.45 15.45
C LEU B 124 -19.64 -4.00 14.04
N LYS B 125 -19.51 -2.71 13.77
CA LYS B 125 -19.85 -2.18 12.46
C LYS B 125 -18.59 -1.82 11.71
N ILE B 126 -18.38 -2.44 10.55
CA ILE B 126 -17.21 -2.15 9.74
C ILE B 126 -17.30 -0.70 9.23
N SER B 127 -16.17 -0.02 9.28
CA SER B 127 -16.06 1.32 8.73
C SER B 127 -15.18 1.26 7.50
N SER B 128 -14.17 0.39 7.52
CA SER B 128 -13.27 0.29 6.39
C SER B 128 -12.72 -1.12 6.18
N ILE B 129 -12.49 -1.50 4.93
CA ILE B 129 -11.75 -2.74 4.67
C ILE B 129 -10.59 -2.39 3.76
N TYR B 130 -9.39 -2.82 4.13
CA TYR B 130 -8.21 -2.34 3.43
C TYR B 130 -7.21 -3.43 3.08
N LEU B 131 -6.42 -3.15 2.06
CA LEU B 131 -5.22 -3.92 1.77
C LEU B 131 -4.07 -2.93 1.84
N ARG B 132 -3.08 -3.29 2.66
CA ARG B 132 -2.09 -2.37 3.16
C ARG B 132 -0.71 -3.01 3.08
N LYS B 133 0.35 -2.20 3.09
CA LYS B 133 1.68 -2.75 3.11
C LYS B 133 2.19 -2.69 4.54
N ILE B 134 2.82 -3.76 5.01
CA ILE B 134 3.14 -3.89 6.43
C ILE B 134 4.09 -2.79 6.89
N LYS B 135 3.66 -2.06 7.92
CA LYS B 135 4.39 -0.88 8.42
C LYS B 135 4.67 0.07 7.26
N GLY B 136 3.66 0.24 6.42
CA GLY B 136 3.81 0.93 5.15
C GLY B 136 2.49 1.50 4.64
N ASP B 137 2.52 2.02 3.42
CA ASP B 137 1.34 2.64 2.81
C ASP B 137 0.20 1.65 2.57
N THR B 138 -1.02 2.16 2.66
CA THR B 138 -2.22 1.42 2.23
C THR B 138 -2.28 1.53 0.72
N VAL B 139 -2.55 0.42 0.03
CA VAL B 139 -2.68 0.47 -1.41
C VAL B 139 -4.16 0.42 -1.82
N PHE B 140 -5.02 -0.20 -1.01
CA PHE B 140 -6.42 -0.27 -1.39
C PHE B 140 -7.36 -0.09 -0.19
N ASP B 141 -8.45 0.61 -0.42
CA ASP B 141 -9.41 0.88 0.65
C ASP B 141 -10.82 0.75 0.08
N MET B 142 -11.76 0.24 0.89
CA MET B 142 -13.17 0.25 0.50
C MET B 142 -14.09 0.45 1.70
N SER B 143 -15.01 1.41 1.54
CA SER B 143 -16.08 1.65 2.50
C SER B 143 -17.45 1.44 1.87
N GLU B 144 -18.48 1.43 2.71
CA GLU B 144 -19.86 1.15 2.33
C GLU B 144 -20.07 -0.33 2.05
P1 A2P C . 19.29 -0.63 -10.61
O1P A2P C . 18.89 -1.71 -9.63
O2P A2P C . 20.68 -0.92 -11.15
O3P A2P C . 18.30 -0.60 -11.75
P2 A2P C . 16.25 6.48 -9.72
O4P A2P C . 15.42 6.45 -8.47
O5P A2P C . 15.40 6.06 -10.91
O6P A2P C . 16.78 7.89 -9.95
O5' A2P C . 17.49 5.47 -9.56
C5' A2P C . 17.72 4.90 -8.29
C4' A2P C . 18.43 3.54 -8.48
O4' A2P C . 18.14 2.75 -7.50
C3' A2P C . 17.89 2.83 -9.72
O3' A2P C . 18.64 3.12 -10.80
C2' A2P C . 17.98 1.33 -9.38
O2' A2P C . 19.29 0.79 -9.87
C1' A2P C . 17.94 1.27 -8.09
N9 A2P C . 16.66 0.74 -7.67
C8 A2P C . 15.42 1.11 -8.07
N7 A2P C . 14.52 0.35 -7.40
C5 A2P C . 15.21 -0.50 -6.58
C6 A2P C . 14.79 -1.48 -5.70
N6 A2P C . 13.43 -1.87 -5.40
N1 A2P C . 15.70 -2.19 -5.00
C2 A2P C . 17.04 -1.95 -5.16
N3 A2P C . 17.45 -0.99 -6.04
C4 A2P C . 16.53 -0.27 -6.74
S SO4 D . -14.94 4.35 21.06
O1 SO4 D . -13.99 5.34 21.55
O2 SO4 D . -16.25 4.97 20.88
O3 SO4 D . -14.49 3.79 19.79
O4 SO4 D . -15.06 3.28 22.05
#